data_5CEG
#
_entry.id   5CEG
#
_cell.length_a   43.180
_cell.length_b   118.840
_cell.length_c   211.420
_cell.angle_alpha   90.00
_cell.angle_beta   90.00
_cell.angle_gamma   90.00
#
_symmetry.space_group_name_H-M   'I 2 2 2'
#
loop_
_entity.id
_entity.type
_entity.pdbx_description
1 polymer 'Addiction module antidote protein, CopG/Arc/MetJ family'
2 polymer 'Plasmid stabilization system'
3 non-polymer GLYCEROL
4 non-polymer 'IODIDE ION'
5 non-polymer 'SODIUM ION'
6 water water
#
loop_
_entity_poly.entity_id
_entity_poly.type
_entity_poly.pdbx_seq_one_letter_code
_entity_poly.pdbx_strand_id
1 'polypeptide(L)'
;MANVEKMSVAVTPQQAAVMREAVEAGEYATASEIVREAVRDWLAKRELRHDDIRRLRQLWDEGKASGRPEPVDFDALRKE
ARQKLTEVPPNGR
;
A,C
2 'polypeptide(L)'
;MGSSHHHHHHSQDPMAVRLVWSPTAKADLIDIYVMIGSENIRAADRYYDQLEARALQLADQPRMGVRRPDIRPSARMLVE
APFVLLYETVPDTDDGPVEWVEIVRVVDGRRDLNRLF
;
B,D
#
loop_
_chem_comp.id
_chem_comp.type
_chem_comp.name
_chem_comp.formula
GOL non-polymer GLYCEROL 'C3 H8 O3'
IOD non-polymer 'IODIDE ION' 'I -1'
NA non-polymer 'SODIUM ION' 'Na 1'
#
# COMPACT_ATOMS: atom_id res chain seq x y z
N ASN A 3 -8.44 -3.88 36.94
CA ASN A 3 -9.40 -2.81 37.15
C ASN A 3 -9.51 -1.84 35.96
N VAL A 4 -9.05 -0.60 36.16
CA VAL A 4 -9.18 0.44 35.15
C VAL A 4 -7.90 1.25 34.99
N GLU A 5 -7.57 1.62 33.77
CA GLU A 5 -6.39 2.42 33.51
C GLU A 5 -6.72 3.69 32.76
N LYS A 6 -6.44 4.85 33.36
CA LYS A 6 -6.73 6.12 32.73
C LYS A 6 -5.52 6.63 31.97
N MET A 7 -5.76 7.21 30.81
CA MET A 7 -4.69 7.82 30.05
C MET A 7 -5.19 9.04 29.28
N SER A 8 -4.28 9.99 29.07
CA SER A 8 -4.61 11.17 28.29
C SER A 8 -4.19 10.93 26.85
N VAL A 9 -5.14 11.07 25.94
CA VAL A 9 -4.86 10.82 24.53
C VAL A 9 -5.27 12.00 23.65
N ALA A 10 -4.62 12.11 22.50
CA ALA A 10 -4.89 13.16 21.55
C ALA A 10 -5.59 12.58 20.32
N VAL A 11 -6.82 13.00 20.07
CA VAL A 11 -7.50 12.59 18.84
C VAL A 11 -7.73 13.80 17.96
N THR A 12 -8.22 13.59 16.74
CA THR A 12 -8.50 14.70 15.85
C THR A 12 -9.80 15.38 16.27
N PRO A 13 -9.98 16.66 15.90
CA PRO A 13 -11.23 17.34 16.25
C PRO A 13 -12.43 16.67 15.60
N GLN A 14 -12.23 16.15 14.40
CA GLN A 14 -13.29 15.46 13.67
C GLN A 14 -13.68 14.18 14.40
N GLN A 15 -12.70 13.43 14.88
CA GLN A 15 -12.99 12.22 15.64
C GLN A 15 -13.70 12.54 16.95
N ALA A 16 -13.24 13.58 17.64
CA ALA A 16 -13.85 13.94 18.91
C ALA A 16 -15.30 14.35 18.70
N ALA A 17 -15.58 15.00 17.58
CA ALA A 17 -16.93 15.49 17.31
C ALA A 17 -17.88 14.31 17.08
N VAL A 18 -17.44 13.31 16.33
CA VAL A 18 -18.33 12.17 16.07
C VAL A 18 -18.52 11.35 17.34
N MET A 19 -17.46 11.21 18.13
CA MET A 19 -17.60 10.49 19.40
C MET A 19 -18.63 11.19 20.30
N ARG A 20 -18.58 12.51 20.36
CA ARG A 20 -19.55 13.26 21.14
C ARG A 20 -20.96 13.09 20.59
N GLU A 21 -21.09 13.13 19.27
CA GLU A 21 -22.39 12.91 18.64
C GLU A 21 -22.97 11.56 19.03
N ALA A 22 -22.13 10.53 19.03
CA ALA A 22 -22.62 9.18 19.30
C ALA A 22 -23.05 9.05 20.75
N VAL A 23 -22.30 9.67 21.65
CA VAL A 23 -22.68 9.66 23.07
C VAL A 23 -23.98 10.44 23.28
N GLU A 24 -24.06 11.63 22.72
CA GLU A 24 -25.26 12.45 22.90
C GLU A 24 -26.51 11.79 22.32
N ALA A 25 -26.33 10.97 21.29
CA ALA A 25 -27.44 10.26 20.66
C ALA A 25 -27.84 9.01 21.42
N GLY A 26 -27.05 8.65 22.44
CA GLY A 26 -27.36 7.49 23.25
C GLY A 26 -26.81 6.17 22.74
N GLU A 27 -25.94 6.21 21.74
CA GLU A 27 -25.28 5.00 21.27
C GLU A 27 -24.31 4.46 22.33
N TYR A 28 -23.70 5.38 23.07
CA TYR A 28 -22.74 5.05 24.11
C TYR A 28 -22.93 5.96 25.31
N ALA A 29 -22.47 5.52 26.47
CA ALA A 29 -22.60 6.33 27.70
C ALA A 29 -21.49 7.38 27.82
N THR A 30 -20.27 7.03 27.42
CA THR A 30 -19.13 7.94 27.43
C THR A 30 -18.20 7.69 26.26
N ALA A 31 -17.33 8.66 25.98
CA ALA A 31 -16.34 8.47 24.92
C ALA A 31 -15.40 7.29 25.21
N SER A 32 -15.11 7.02 26.49
CA SER A 32 -14.20 5.91 26.80
C SER A 32 -14.76 4.58 26.38
N GLU A 33 -16.09 4.43 26.41
CA GLU A 33 -16.72 3.20 25.94
C GLU A 33 -16.43 2.96 24.47
N ILE A 34 -16.46 4.04 23.69
CA ILE A 34 -16.10 3.97 22.28
C ILE A 34 -14.63 3.59 22.14
N VAL A 35 -13.77 4.24 22.91
CA VAL A 35 -12.34 3.98 22.78
C VAL A 35 -12.05 2.52 23.14
N ARG A 36 -12.69 1.98 24.17
CA ARG A 36 -12.47 0.59 24.53
C ARG A 36 -12.92 -0.38 23.43
N GLU A 37 -14.10 -0.13 22.86
CA GLU A 37 -14.55 -0.96 21.73
C GLU A 37 -13.56 -0.87 20.57
N ALA A 38 -13.17 0.36 20.25
CA ALA A 38 -12.27 0.61 19.12
C ALA A 38 -10.90 -0.04 19.33
N VAL A 39 -10.36 0.05 20.54
CA VAL A 39 -9.05 -0.55 20.80
C VAL A 39 -9.14 -2.08 20.77
N ARG A 40 -10.24 -2.65 21.27
CA ARG A 40 -10.41 -4.10 21.18
C ARG A 40 -10.44 -4.54 19.72
N ASP A 41 -11.11 -3.79 18.85
CA ASP A 41 -11.13 -4.13 17.45
C ASP A 41 -9.73 -3.99 16.83
N TRP A 42 -9.00 -2.96 17.27
CA TRP A 42 -7.63 -2.77 16.82
C TRP A 42 -6.73 -3.95 17.25
N LEU A 43 -6.96 -4.52 18.43
CA LEU A 43 -6.17 -5.68 18.84
C LEU A 43 -6.30 -6.81 17.83
N ALA A 44 -7.51 -7.05 17.36
CA ALA A 44 -7.74 -8.09 16.36
C ALA A 44 -7.12 -7.70 15.01
N LYS A 45 -7.28 -6.44 14.61
CA LYS A 45 -6.65 -5.95 13.39
C LYS A 45 -5.13 -6.16 13.42
N ARG A 46 -4.54 -5.86 14.57
CA ARG A 46 -3.10 -6.00 14.74
C ARG A 46 -2.68 -7.46 14.63
N GLU A 47 -3.52 -8.38 15.13
CA GLU A 47 -3.19 -9.79 15.01
CA GLU A 47 -3.19 -9.79 15.01
C GLU A 47 -3.26 -10.23 13.56
N LEU A 48 -4.22 -9.68 12.81
CA LEU A 48 -4.30 -9.99 11.38
C LEU A 48 -3.11 -9.39 10.62
N ARG A 49 -2.67 -8.21 11.06
CA ARG A 49 -1.48 -7.59 10.49
C ARG A 49 -0.24 -8.44 10.76
N HIS A 50 -0.12 -8.94 11.99
CA HIS A 50 0.99 -9.82 12.32
C HIS A 50 0.92 -11.11 11.52
N ASP A 51 -0.29 -11.61 11.26
CA ASP A 51 -0.46 -12.79 10.37
C ASP A 51 0.14 -12.48 8.99
N ASP A 52 -0.20 -11.31 8.46
CA ASP A 52 0.33 -10.90 7.16
C ASP A 52 1.85 -10.81 7.16
N ILE A 53 2.42 -10.21 8.21
CA ILE A 53 3.87 -10.09 8.28
C ILE A 53 4.54 -11.46 8.33
N ARG A 54 4.00 -12.36 9.16
CA ARG A 54 4.52 -13.74 9.24
C ARG A 54 4.42 -14.46 7.90
N ARG A 55 3.32 -14.25 7.19
CA ARG A 55 3.13 -14.90 5.91
C ARG A 55 4.17 -14.40 4.92
N LEU A 56 4.34 -13.08 4.87
CA LEU A 56 5.33 -12.51 3.96
C LEU A 56 6.74 -12.94 4.32
N ARG A 57 7.03 -13.05 5.60
CA ARG A 57 8.34 -13.50 6.05
C ARG A 57 8.59 -14.95 5.63
N GLN A 58 7.58 -15.80 5.82
CA GLN A 58 7.66 -17.19 5.39
C GLN A 58 7.93 -17.31 3.90
N LEU A 59 7.16 -16.55 3.11
CA LEU A 59 7.31 -16.57 1.66
C LEU A 59 8.70 -16.05 1.25
N TRP A 60 9.13 -14.96 1.89
CA TRP A 60 10.46 -14.41 1.67
C TRP A 60 11.55 -15.45 1.92
N ASP A 61 11.51 -16.06 3.10
CA ASP A 61 12.53 -17.04 3.47
C ASP A 61 12.59 -18.18 2.45
N GLU A 62 11.42 -18.64 2.00
CA GLU A 62 11.34 -19.68 0.97
CA GLU A 62 11.38 -19.70 1.00
C GLU A 62 12.09 -19.25 -0.28
N GLY A 63 11.79 -18.03 -0.74
CA GLY A 63 12.43 -17.47 -1.91
C GLY A 63 13.93 -17.39 -1.77
N LYS A 64 14.40 -16.95 -0.60
CA LYS A 64 15.83 -16.75 -0.38
C LYS A 64 16.58 -18.08 -0.26
N ALA A 65 15.86 -19.16 -0.03
CA ALA A 65 16.51 -20.48 0.09
C ALA A 65 16.36 -21.32 -1.18
N SER A 66 15.81 -20.74 -2.24
CA SER A 66 15.43 -21.54 -3.42
C SER A 66 16.51 -21.65 -4.49
N GLY A 67 17.63 -20.98 -4.29
CA GLY A 67 18.72 -21.09 -5.25
C GLY A 67 19.11 -19.77 -5.91
N ARG A 68 20.02 -19.86 -6.88
CA ARG A 68 20.59 -18.69 -7.51
C ARG A 68 19.55 -17.90 -8.33
N PRO A 69 19.38 -16.60 -8.04
CA PRO A 69 18.45 -15.81 -8.84
C PRO A 69 18.96 -15.58 -10.25
N GLU A 70 18.04 -15.47 -11.20
CA GLU A 70 18.39 -15.31 -12.61
C GLU A 70 17.50 -14.28 -13.28
N PRO A 71 17.96 -13.69 -14.40
CA PRO A 71 17.07 -12.80 -15.16
C PRO A 71 15.88 -13.56 -15.70
N VAL A 72 14.79 -12.85 -15.96
CA VAL A 72 13.60 -13.49 -16.55
C VAL A 72 13.26 -12.87 -17.90
N ASP A 73 13.14 -13.73 -18.90
CA ASP A 73 12.64 -13.36 -20.22
C ASP A 73 11.15 -13.65 -20.23
N PHE A 74 10.34 -12.60 -20.29
CA PHE A 74 8.89 -12.80 -20.16
C PHE A 74 8.26 -13.47 -21.39
N ASP A 75 8.91 -13.34 -22.55
CA ASP A 75 8.47 -14.05 -23.73
C ASP A 75 8.64 -15.55 -23.52
N ALA A 76 9.81 -15.93 -23.04
CA ALA A 76 10.12 -17.32 -22.76
C ALA A 76 9.29 -17.84 -21.59
N LEU A 77 9.08 -16.98 -20.60
CA LEU A 77 8.26 -17.34 -19.44
C LEU A 77 6.82 -17.65 -19.84
N ARG A 78 6.26 -16.82 -20.72
CA ARG A 78 4.90 -17.02 -21.19
C ARG A 78 4.77 -18.35 -21.90
N LYS A 79 5.74 -18.67 -22.75
CA LYS A 79 5.75 -19.95 -23.45
C LYS A 79 5.79 -21.10 -22.46
N GLU A 80 6.57 -20.93 -21.40
CA GLU A 80 6.68 -21.97 -20.39
C GLU A 80 5.40 -22.12 -19.57
N ALA A 81 4.73 -21.01 -19.28
CA ALA A 81 3.47 -21.07 -18.53
C ALA A 81 2.38 -21.74 -19.37
N ARG A 82 2.33 -21.44 -20.66
CA ARG A 82 1.36 -22.07 -21.55
C ARG A 82 1.64 -23.56 -21.69
N GLN A 83 2.91 -23.95 -21.68
CA GLN A 83 3.27 -25.36 -21.63
C GLN A 83 2.73 -26.02 -20.36
N LYS A 84 2.82 -25.32 -19.24
CA LYS A 84 2.35 -25.85 -17.96
C LYS A 84 0.85 -26.08 -17.99
N LEU A 85 0.14 -25.19 -18.67
CA LEU A 85 -1.31 -25.30 -18.83
C LEU A 85 -1.74 -26.52 -19.63
N THR A 86 -0.84 -27.08 -20.44
CA THR A 86 -1.22 -28.20 -21.29
C THR A 86 -0.41 -29.45 -20.94
N GLU A 87 -0.30 -29.71 -19.64
CA GLU A 87 0.44 -30.83 -19.06
C GLU A 87 1.94 -30.65 -19.28
N MET B 15 20.70 18.03 -11.93
CA MET B 15 20.18 16.68 -12.03
C MET B 15 18.82 16.55 -11.36
N ALA B 16 18.72 16.98 -10.11
CA ALA B 16 17.46 16.97 -9.38
C ALA B 16 16.47 17.92 -10.05
N VAL B 17 15.21 17.50 -10.20
CA VAL B 17 14.19 18.37 -10.76
C VAL B 17 13.67 19.31 -9.69
N ARG B 18 12.97 20.38 -10.08
CA ARG B 18 12.35 21.28 -9.12
C ARG B 18 11.23 20.55 -8.38
N LEU B 19 11.20 20.68 -7.06
CA LEU B 19 10.13 20.05 -6.31
C LEU B 19 9.39 21.10 -5.50
N VAL B 20 8.07 21.14 -5.69
CA VAL B 20 7.23 22.09 -5.00
C VAL B 20 6.08 21.36 -4.33
N TRP B 21 5.45 22.04 -3.38
CA TRP B 21 4.37 21.45 -2.57
C TRP B 21 3.16 22.35 -2.66
N SER B 22 1.98 21.77 -2.85
CA SER B 22 0.78 22.60 -2.83
C SER B 22 0.62 23.26 -1.46
N PRO B 23 -0.05 24.42 -1.41
CA PRO B 23 -0.35 25.00 -0.10
C PRO B 23 -1.01 24.02 0.86
N THR B 24 -1.94 23.20 0.37
CA THR B 24 -2.57 22.21 1.24
C THR B 24 -1.56 21.16 1.73
N ALA B 25 -0.62 20.75 0.88
CA ALA B 25 0.39 19.78 1.32
C ALA B 25 1.27 20.35 2.43
N LYS B 26 1.63 21.62 2.31
CA LYS B 26 2.36 22.26 3.40
C LYS B 26 1.55 22.24 4.69
N ALA B 27 0.25 22.53 4.59
CA ALA B 27 -0.63 22.46 5.74
C ALA B 27 -0.70 21.05 6.32
N ASP B 28 -0.70 20.04 5.44
CA ASP B 28 -0.71 18.65 5.89
C ASP B 28 0.53 18.40 6.76
N LEU B 29 1.68 18.86 6.27
CA LEU B 29 2.94 18.66 7.00
C LEU B 29 2.90 19.33 8.38
N ILE B 30 2.39 20.55 8.45
CA ILE B 30 2.26 21.26 9.72
CA ILE B 30 2.29 21.23 9.73
C ILE B 30 1.34 20.48 10.67
N ASP B 31 0.19 20.05 10.14
CA ASP B 31 -0.78 19.30 10.94
C ASP B 31 -0.19 18.02 11.53
N ILE B 32 0.54 17.29 10.70
CA ILE B 32 1.20 16.05 11.14
C ILE B 32 2.13 16.32 12.32
N TYR B 33 2.97 17.35 12.20
CA TYR B 33 3.95 17.65 13.24
C TYR B 33 3.28 18.08 14.53
N VAL B 34 2.27 18.94 14.41
CA VAL B 34 1.59 19.44 15.61
C VAL B 34 0.86 18.32 16.33
N MET B 35 0.20 17.44 15.57
CA MET B 35 -0.57 16.37 16.18
CA MET B 35 -0.57 16.37 16.19
C MET B 35 0.31 15.47 17.06
N ILE B 36 1.42 14.98 16.51
CA ILE B 36 2.24 14.08 17.29
C ILE B 36 3.14 14.86 18.23
N GLY B 37 3.57 16.04 17.79
CA GLY B 37 4.46 16.87 18.60
C GLY B 37 3.82 17.37 19.89
N SER B 38 2.49 17.36 19.92
CA SER B 38 1.76 17.76 21.12
C SER B 38 2.09 16.85 22.31
N GLU B 39 2.61 15.65 22.03
CA GLU B 39 3.02 14.78 23.13
C GLU B 39 4.43 14.19 22.98
N ASN B 40 4.98 14.20 21.77
CA ASN B 40 6.28 13.58 21.53
C ASN B 40 7.01 14.29 20.41
N ILE B 41 7.80 15.29 20.79
CA ILE B 41 8.47 16.14 19.81
CA ILE B 41 8.47 16.14 19.83
C ILE B 41 9.55 15.35 19.05
N ARG B 42 10.19 14.38 19.70
CA ARG B 42 11.18 13.58 18.99
C ARG B 42 10.54 12.78 17.86
N ALA B 43 9.33 12.26 18.09
CA ALA B 43 8.63 11.55 17.03
C ALA B 43 8.23 12.49 15.90
N ALA B 44 7.83 13.70 16.26
CA ALA B 44 7.47 14.68 15.24
C ALA B 44 8.69 14.98 14.36
N ASP B 45 9.83 15.22 15.01
CA ASP B 45 11.06 15.44 14.28
C ASP B 45 11.43 14.27 13.37
N ARG B 46 11.25 13.04 13.84
CA ARG B 46 11.58 11.87 13.03
C ARG B 46 10.69 11.77 11.79
N TYR B 47 9.40 12.08 11.93
CA TYR B 47 8.52 12.06 10.76
C TYR B 47 8.97 13.10 9.73
N TYR B 48 9.39 14.28 10.20
CA TYR B 48 9.92 15.27 9.26
C TYR B 48 11.23 14.80 8.61
N ASP B 49 12.09 14.14 9.39
CA ASP B 49 13.33 13.59 8.81
C ASP B 49 13.01 12.62 7.68
N GLN B 50 12.02 11.76 7.93
CA GLN B 50 11.66 10.72 6.97
C GLN B 50 10.96 11.29 5.74
N LEU B 51 10.08 12.26 5.97
CA LEU B 51 9.34 12.84 4.85
C LEU B 51 10.26 13.68 3.98
N GLU B 52 11.16 14.43 4.61
CA GLU B 52 12.15 15.20 3.84
C GLU B 52 13.04 14.28 3.02
N ALA B 53 13.46 13.18 3.62
CA ALA B 53 14.31 12.22 2.90
C ALA B 53 13.59 11.64 1.69
N ARG B 54 12.32 11.31 1.86
CA ARG B 54 11.57 10.71 0.76
C ARG B 54 11.37 11.74 -0.36
N ALA B 55 11.13 13.00 0.00
CA ALA B 55 10.94 14.05 -0.99
C ALA B 55 12.24 14.33 -1.78
N LEU B 56 13.37 14.25 -1.09
CA LEU B 56 14.68 14.44 -1.72
C LEU B 56 14.94 13.33 -2.72
N GLN B 57 14.59 12.10 -2.37
CA GLN B 57 14.68 10.98 -3.32
C GLN B 57 13.85 11.26 -4.56
N LEU B 58 12.65 11.78 -4.33
CA LEU B 58 11.71 12.01 -5.41
C LEU B 58 12.21 13.08 -6.37
N ALA B 59 12.88 14.08 -5.84
CA ALA B 59 13.44 15.13 -6.69
C ALA B 59 14.48 14.56 -7.64
N ASP B 60 15.24 13.56 -7.17
CA ASP B 60 16.25 12.88 -7.98
C ASP B 60 15.67 11.86 -8.96
N GLN B 61 14.56 11.24 -8.57
CA GLN B 61 13.93 10.21 -9.41
C GLN B 61 12.43 10.46 -9.43
N PRO B 62 11.99 11.39 -10.28
CA PRO B 62 10.61 11.90 -10.24
C PRO B 62 9.53 10.89 -10.56
N ARG B 63 9.89 9.76 -11.16
CA ARG B 63 8.89 8.76 -11.50
C ARG B 63 8.92 7.54 -10.56
N MET B 64 9.43 7.71 -9.34
CA MET B 64 9.49 6.55 -8.46
C MET B 64 8.12 6.18 -7.86
N GLY B 65 7.16 7.11 -7.86
CA GLY B 65 5.82 6.81 -7.38
C GLY B 65 4.99 6.03 -8.39
N VAL B 66 4.17 5.11 -7.90
CA VAL B 66 3.31 4.32 -8.76
C VAL B 66 2.14 5.16 -9.28
N ARG B 67 1.84 5.05 -10.57
CA ARG B 67 0.71 5.77 -11.13
C ARG B 67 -0.60 5.31 -10.52
N ARG B 68 -1.46 6.26 -10.20
CA ARG B 68 -2.79 5.97 -9.69
C ARG B 68 -3.83 6.79 -10.45
N PRO B 69 -4.02 6.48 -11.75
CA PRO B 69 -4.96 7.26 -12.56
C PRO B 69 -6.41 7.08 -12.11
N ASP B 70 -6.67 6.10 -11.24
CA ASP B 70 -8.00 5.94 -10.68
C ASP B 70 -8.33 7.07 -9.71
N ILE B 71 -7.31 7.77 -9.22
CA ILE B 71 -7.53 8.93 -8.35
C ILE B 71 -7.78 10.14 -9.25
N ARG B 72 -6.74 10.59 -9.93
CA ARG B 72 -6.85 11.54 -11.04
C ARG B 72 -5.80 11.11 -12.08
N PRO B 73 -5.97 11.51 -13.35
CA PRO B 73 -5.16 10.88 -14.42
C PRO B 73 -3.65 10.94 -14.22
N SER B 74 -3.13 12.04 -13.67
CA SER B 74 -1.68 12.20 -13.51
C SER B 74 -1.17 11.80 -12.13
N ALA B 75 -2.08 11.36 -11.27
CA ALA B 75 -1.67 11.11 -9.87
C ALA B 75 -0.71 9.95 -9.73
N ARG B 76 0.23 10.11 -8.81
CA ARG B 76 1.19 9.09 -8.44
C ARG B 76 1.21 9.00 -6.92
N MET B 77 1.52 7.82 -6.40
CA MET B 77 1.53 7.62 -4.96
C MET B 77 2.89 7.10 -4.53
N LEU B 78 3.48 7.73 -3.52
CA LEU B 78 4.72 7.26 -2.94
C LEU B 78 4.49 7.08 -1.45
N VAL B 79 4.77 5.88 -0.93
CA VAL B 79 4.49 5.59 0.46
C VAL B 79 5.70 5.90 1.36
N GLU B 80 5.42 6.55 2.49
CA GLU B 80 6.37 6.74 3.57
C GLU B 80 5.60 6.48 4.85
N ALA B 81 5.53 5.21 5.25
CA ALA B 81 4.60 4.77 6.28
C ALA B 81 4.70 5.62 7.55
N PRO B 82 3.54 6.00 8.12
CA PRO B 82 2.15 5.69 7.76
C PRO B 82 1.51 6.65 6.75
N PHE B 83 2.34 7.42 6.06
CA PHE B 83 1.84 8.45 5.14
C PHE B 83 1.89 8.00 3.70
N VAL B 84 1.01 8.60 2.90
CA VAL B 84 1.00 8.41 1.47
C VAL B 84 1.22 9.79 0.84
N LEU B 85 2.27 9.92 0.04
CA LEU B 85 2.49 11.16 -0.69
C LEU B 85 1.76 11.06 -2.01
N LEU B 86 0.88 12.02 -2.30
CA LEU B 86 0.24 12.08 -3.61
C LEU B 86 0.90 13.19 -4.41
N TYR B 87 1.36 12.88 -5.62
CA TYR B 87 2.08 13.89 -6.40
C TYR B 87 1.88 13.67 -7.89
N GLU B 88 2.34 14.63 -8.68
CA GLU B 88 2.42 14.44 -10.13
C GLU B 88 3.73 15.01 -10.66
N THR B 89 4.14 14.54 -11.83
CA THR B 89 5.21 15.21 -12.56
C THR B 89 4.61 16.11 -13.64
N VAL B 90 5.32 17.17 -13.97
CA VAL B 90 4.96 17.96 -15.14
C VAL B 90 6.20 18.12 -16.01
N PRO B 91 6.13 17.70 -17.28
CA PRO B 91 5.00 17.05 -17.96
C PRO B 91 4.65 15.70 -17.33
N ASP B 92 3.40 15.27 -17.54
CA ASP B 92 2.95 13.97 -17.08
C ASP B 92 3.28 12.90 -18.12
N THR B 93 4.57 12.60 -18.26
CA THR B 93 5.03 11.63 -19.26
C THR B 93 5.71 10.45 -18.58
N ASP B 94 5.85 9.34 -19.29
CA ASP B 94 6.49 8.16 -18.74
C ASP B 94 7.99 8.18 -18.96
N ASP B 95 8.43 9.03 -19.87
CA ASP B 95 9.85 9.18 -20.16
C ASP B 95 10.12 10.57 -20.69
N GLY B 96 11.36 11.03 -20.53
CA GLY B 96 11.73 12.34 -21.00
C GLY B 96 11.92 13.28 -19.83
N PRO B 97 12.34 14.52 -20.12
CA PRO B 97 12.66 15.52 -19.10
C PRO B 97 11.45 15.88 -18.25
N VAL B 98 11.66 16.00 -16.95
CA VAL B 98 10.62 16.48 -16.04
C VAL B 98 11.00 17.87 -15.54
N GLU B 99 10.06 18.81 -15.61
CA GLU B 99 10.39 20.18 -15.19
C GLU B 99 10.09 20.38 -13.70
N TRP B 100 8.99 19.83 -13.20
CA TRP B 100 8.89 19.75 -11.76
CA TRP B 100 8.53 19.95 -11.81
C TRP B 100 8.03 18.61 -11.27
N VAL B 101 8.21 18.37 -9.99
CA VAL B 101 7.37 17.44 -9.23
C VAL B 101 6.54 18.30 -8.31
N GLU B 102 5.21 18.14 -8.33
CA GLU B 102 4.38 18.80 -7.32
C GLU B 102 3.80 17.78 -6.36
N ILE B 103 4.14 17.89 -5.08
CA ILE B 103 3.50 17.07 -4.06
CA ILE B 103 3.51 17.11 -4.01
C ILE B 103 2.18 17.74 -3.70
N VAL B 104 1.08 17.05 -4.01
CA VAL B 104 -0.24 17.65 -3.89
C VAL B 104 -0.86 17.48 -2.49
N ARG B 105 -0.68 16.30 -1.87
CA ARG B 105 -1.11 16.07 -0.47
C ARG B 105 -0.15 15.13 0.23
N VAL B 106 -0.11 15.24 1.54
CA VAL B 106 0.50 14.22 2.40
C VAL B 106 -0.61 13.63 3.27
N VAL B 107 -0.97 12.37 3.01
CA VAL B 107 -2.14 11.76 3.65
C VAL B 107 -1.73 10.75 4.72
N ASP B 108 -2.31 10.86 5.92
CA ASP B 108 -2.05 9.87 6.96
C ASP B 108 -3.05 8.74 6.82
N GLY B 109 -2.57 7.55 6.44
CA GLY B 109 -3.47 6.43 6.23
C GLY B 109 -4.22 6.01 7.48
N ARG B 110 -3.64 6.25 8.65
CA ARG B 110 -4.31 5.91 9.89
C ARG B 110 -5.54 6.78 10.12
N ARG B 111 -5.52 7.98 9.54
CA ARG B 111 -6.57 8.97 9.76
C ARG B 111 -7.61 8.96 8.66
N ASP B 112 -7.23 8.53 7.46
CA ASP B 112 -8.08 8.75 6.30
C ASP B 112 -8.37 7.57 5.39
N LEU B 113 -7.80 6.40 5.65
CA LEU B 113 -8.01 5.26 4.76
C LEU B 113 -8.54 4.03 5.48
N ASN B 114 -9.52 3.38 4.85
CA ASN B 114 -10.07 2.13 5.33
C ASN B 114 -9.16 0.96 5.08
N ARG B 115 -8.63 0.87 3.87
CA ARG B 115 -8.01 -0.39 3.45
C ARG B 115 -6.49 -0.40 3.62
N LEU B 116 -5.92 0.74 4.01
CA LEU B 116 -4.50 0.83 4.29
C LEU B 116 -4.26 1.41 5.68
N PHE B 117 -3.17 0.97 6.31
N PHE B 117 -3.21 0.94 6.35
CA PHE B 117 -2.72 1.47 7.60
CA PHE B 117 -2.84 1.40 7.70
C PHE B 117 -3.83 1.42 8.64
C PHE B 117 -4.05 1.40 8.67
N ALA C 2 -35.34 -19.84 -8.87
CA ALA C 2 -35.10 -18.74 -9.81
C ALA C 2 -34.60 -17.50 -9.08
N ASN C 3 -34.47 -17.62 -7.76
CA ASN C 3 -33.94 -16.52 -6.96
C ASN C 3 -32.44 -16.70 -6.75
N VAL C 4 -31.83 -17.55 -7.58
CA VAL C 4 -30.38 -17.71 -7.59
C VAL C 4 -29.86 -17.72 -9.01
N GLU C 5 -28.58 -17.44 -9.15
CA GLU C 5 -27.92 -17.50 -10.45
C GLU C 5 -26.71 -18.39 -10.32
N LYS C 6 -26.63 -19.42 -11.14
CA LYS C 6 -25.54 -20.38 -11.04
C LYS C 6 -24.34 -19.94 -11.85
N MET C 7 -23.15 -20.14 -11.30
CA MET C 7 -21.93 -19.86 -12.06
C MET C 7 -20.83 -20.86 -11.69
N SER C 8 -19.97 -21.15 -12.65
CA SER C 8 -18.85 -22.05 -12.40
C SER C 8 -17.64 -21.22 -12.05
N VAL C 9 -17.06 -21.47 -10.88
CA VAL C 9 -15.93 -20.67 -10.42
C VAL C 9 -14.76 -21.55 -10.02
N ALA C 10 -13.56 -21.01 -10.17
CA ALA C 10 -12.35 -21.73 -9.79
C ALA C 10 -11.78 -21.14 -8.51
N VAL C 11 -11.79 -21.91 -7.43
CA VAL C 11 -11.12 -21.51 -6.20
C VAL C 11 -9.83 -22.31 -6.05
N THR C 12 -9.00 -21.93 -5.08
CA THR C 12 -7.77 -22.70 -4.87
C THR C 12 -8.11 -24.02 -4.21
N PRO C 13 -7.23 -25.02 -4.36
CA PRO C 13 -7.51 -26.31 -3.70
C PRO C 13 -7.60 -26.17 -2.18
N GLN C 14 -6.76 -25.33 -1.60
CA GLN C 14 -6.79 -25.08 -0.17
C GLN C 14 -8.13 -24.49 0.26
N GLN C 15 -8.65 -23.55 -0.54
CA GLN C 15 -9.94 -22.93 -0.21
C GLN C 15 -11.08 -23.93 -0.30
N ALA C 16 -11.08 -24.72 -1.37
CA ALA C 16 -12.13 -25.72 -1.57
C ALA C 16 -12.14 -26.71 -0.41
N ALA C 17 -10.95 -27.03 0.08
CA ALA C 17 -10.80 -27.98 1.19
C ALA C 17 -11.48 -27.46 2.45
N VAL C 18 -11.19 -26.21 2.82
CA VAL C 18 -11.76 -25.65 4.04
C VAL C 18 -13.26 -25.42 3.88
N MET C 19 -13.72 -25.07 2.68
CA MET C 19 -15.14 -24.94 2.44
C MET C 19 -15.84 -26.28 2.66
N ARG C 20 -15.25 -27.36 2.18
CA ARG C 20 -15.81 -28.68 2.43
C ARG C 20 -15.80 -29.01 3.92
N GLU C 21 -14.72 -28.64 4.61
CA GLU C 21 -14.62 -28.88 6.05
C GLU C 21 -15.74 -28.19 6.82
N ALA C 22 -16.03 -26.96 6.43
CA ALA C 22 -17.07 -26.18 7.10
C ALA C 22 -18.45 -26.78 6.90
N VAL C 23 -18.71 -27.26 5.67
CA VAL C 23 -19.98 -27.91 5.39
C VAL C 23 -20.07 -29.25 6.15
N GLU C 24 -18.99 -30.02 6.15
CA GLU C 24 -19.00 -31.30 6.86
C GLU C 24 -19.19 -31.14 8.36
N ALA C 25 -18.74 -30.01 8.90
CA ALA C 25 -18.88 -29.72 10.32
C ALA C 25 -20.28 -29.19 10.65
N GLY C 26 -21.09 -28.97 9.62
CA GLY C 26 -22.44 -28.47 9.82
C GLY C 26 -22.53 -26.97 10.04
N GLU C 27 -21.46 -26.24 9.70
CA GLU C 27 -21.47 -24.78 9.81
C GLU C 27 -22.32 -24.16 8.70
N TYR C 28 -22.33 -24.83 7.56
CA TYR C 28 -23.09 -24.42 6.38
C TYR C 28 -23.71 -25.66 5.77
N ALA C 29 -24.79 -25.48 5.01
CA ALA C 29 -25.44 -26.61 4.35
C ALA C 29 -24.76 -26.95 3.02
N THR C 30 -24.35 -25.91 2.30
CA THR C 30 -23.70 -26.09 1.00
C THR C 30 -22.61 -25.06 0.81
N ALA C 31 -21.73 -25.31 -0.15
CA ALA C 31 -20.68 -24.35 -0.51
C ALA C 31 -21.28 -23.03 -1.03
N SER C 32 -22.45 -23.10 -1.67
CA SER C 32 -23.09 -21.89 -2.19
C SER C 32 -23.45 -20.89 -1.07
N GLU C 33 -23.81 -21.41 0.09
CA GLU C 33 -24.12 -20.54 1.23
C GLU C 33 -22.89 -19.77 1.67
N ILE C 34 -21.75 -20.43 1.62
CA ILE C 34 -20.47 -19.77 1.95
C ILE C 34 -20.17 -18.67 0.96
N VAL C 35 -20.32 -18.97 -0.33
CA VAL C 35 -19.99 -18.00 -1.36
C VAL C 35 -20.94 -16.80 -1.25
N ARG C 36 -22.23 -17.04 -0.99
CA ARG C 36 -23.14 -15.92 -0.84
C ARG C 36 -22.75 -14.99 0.31
N GLU C 37 -22.39 -15.57 1.46
CA GLU C 37 -21.96 -14.78 2.61
C GLU C 37 -20.68 -14.04 2.26
N ALA C 38 -19.73 -14.75 1.66
CA ALA C 38 -18.43 -14.17 1.35
C ALA C 38 -18.55 -13.03 0.35
N VAL C 39 -19.43 -13.18 -0.64
CA VAL C 39 -19.57 -12.13 -1.66
C VAL C 39 -20.29 -10.91 -1.08
N ARG C 40 -21.24 -11.10 -0.15
CA ARG C 40 -21.86 -9.95 0.51
C ARG C 40 -20.82 -9.15 1.29
N ASP C 41 -19.94 -9.85 2.00
CA ASP C 41 -18.87 -9.19 2.73
C ASP C 41 -17.93 -8.45 1.76
N TRP C 42 -17.63 -9.10 0.64
CA TRP C 42 -16.77 -8.52 -0.38
C TRP C 42 -17.39 -7.23 -0.96
N LEU C 43 -18.70 -7.23 -1.14
CA LEU C 43 -19.40 -6.01 -1.61
C LEU C 43 -19.15 -4.84 -0.66
N ALA C 44 -19.21 -5.11 0.63
CA ALA C 44 -18.99 -4.06 1.63
C ALA C 44 -17.54 -3.62 1.65
N LYS C 45 -16.63 -4.59 1.55
CA LYS C 45 -15.19 -4.29 1.49
C LYS C 45 -14.88 -3.41 0.27
N ARG C 46 -15.47 -3.75 -0.86
CA ARG C 46 -15.31 -3.02 -2.11
CA ARG C 46 -15.19 -2.99 -2.06
C ARG C 46 -15.79 -1.58 -1.98
N GLU C 47 -16.90 -1.40 -1.26
CA GLU C 47 -17.42 -0.06 -1.07
CA GLU C 47 -17.44 -0.07 -1.04
C GLU C 47 -16.49 0.77 -0.17
N LEU C 48 -15.87 0.13 0.83
CA LEU C 48 -14.89 0.83 1.67
C LEU C 48 -13.65 1.21 0.85
N ARG C 49 -13.26 0.34 -0.07
CA ARG C 49 -12.17 0.60 -1.01
CA ARG C 49 -12.15 0.65 -0.97
C ARG C 49 -12.53 1.80 -1.91
N HIS C 50 -13.75 1.77 -2.44
CA HIS C 50 -14.19 2.88 -3.30
C HIS C 50 -14.27 4.20 -2.51
N ASP C 51 -14.68 4.12 -1.25
CA ASP C 51 -14.65 5.28 -0.35
C ASP C 51 -13.22 5.84 -0.25
N ASP C 52 -12.23 4.95 -0.13
CA ASP C 52 -10.84 5.38 -0.05
C ASP C 52 -10.43 6.13 -1.31
N ILE C 53 -10.80 5.59 -2.47
CA ILE C 53 -10.46 6.22 -3.75
CA ILE C 53 -10.44 6.23 -3.73
C ILE C 53 -11.12 7.59 -3.84
N ARG C 54 -12.40 7.66 -3.47
CA ARG C 54 -13.10 8.93 -3.49
C ARG C 54 -12.49 9.94 -2.51
N ARG C 55 -12.03 9.45 -1.35
CA ARG C 55 -11.42 10.32 -0.34
C ARG C 55 -10.07 10.83 -0.82
N LEU C 56 -9.25 9.95 -1.41
CA LEU C 56 -7.98 10.39 -1.98
C LEU C 56 -8.19 11.42 -3.10
N ARG C 57 -9.21 11.18 -3.93
CA ARG C 57 -9.52 12.12 -5.00
C ARG C 57 -9.98 13.47 -4.45
N GLN C 58 -10.82 13.44 -3.42
CA GLN C 58 -11.27 14.67 -2.76
C GLN C 58 -10.07 15.45 -2.20
N LEU C 59 -9.17 14.75 -1.52
CA LEU C 59 -8.01 15.41 -0.92
C LEU C 59 -7.11 15.98 -2.03
N TRP C 60 -6.91 15.20 -3.10
CA TRP C 60 -6.13 15.65 -4.26
C TRP C 60 -6.71 16.94 -4.84
N ASP C 61 -8.01 16.90 -5.11
CA ASP C 61 -8.69 18.05 -5.69
C ASP C 61 -8.57 19.30 -4.82
N GLU C 62 -8.66 19.14 -3.50
CA GLU C 62 -8.46 20.27 -2.59
CA GLU C 62 -8.45 20.25 -2.58
C GLU C 62 -7.04 20.82 -2.74
N GLY C 63 -6.04 19.94 -2.79
CA GLY C 63 -4.68 20.40 -2.96
C GLY C 63 -4.48 21.18 -4.26
N LYS C 64 -5.07 20.67 -5.35
CA LYS C 64 -4.93 21.31 -6.65
C LYS C 64 -5.65 22.65 -6.69
N ALA C 65 -6.68 22.81 -5.87
CA ALA C 65 -7.41 24.08 -5.85
C ALA C 65 -6.81 25.12 -4.90
N SER C 66 -5.76 24.76 -4.17
CA SER C 66 -5.29 25.63 -3.08
C SER C 66 -4.33 26.76 -3.46
N GLY C 67 -3.89 26.80 -4.71
CA GLY C 67 -3.01 27.89 -5.13
C GLY C 67 -1.64 27.45 -5.63
N ARG C 68 -0.74 28.41 -5.76
CA ARG C 68 0.58 28.15 -6.33
C ARG C 68 1.44 27.27 -5.41
N PRO C 69 1.94 26.15 -5.95
CA PRO C 69 2.85 25.33 -5.12
C PRO C 69 4.19 26.00 -4.98
N GLU C 70 4.84 25.76 -3.84
CA GLU C 70 6.12 26.37 -3.51
C GLU C 70 7.08 25.36 -2.89
N PRO C 71 8.38 25.63 -2.96
CA PRO C 71 9.31 24.75 -2.24
C PRO C 71 9.10 24.83 -0.74
N VAL C 72 9.53 23.80 -0.03
CA VAL C 72 9.44 23.78 1.42
C VAL C 72 10.81 23.57 2.00
N ASP C 73 11.16 24.43 2.96
CA ASP C 73 12.36 24.32 3.78
C ASP C 73 11.95 23.66 5.10
N PHE C 74 12.38 22.42 5.32
CA PHE C 74 11.92 21.68 6.49
C PHE C 74 12.44 22.25 7.81
N ASP C 75 13.63 22.86 7.78
CA ASP C 75 14.15 23.54 8.97
C ASP C 75 13.25 24.71 9.35
N ALA C 76 12.82 25.47 8.35
CA ALA C 76 11.89 26.56 8.58
C ALA C 76 10.53 26.03 9.01
N LEU C 77 10.09 24.96 8.36
CA LEU C 77 8.80 24.36 8.63
C LEU C 77 8.71 23.86 10.07
N ARG C 78 9.81 23.28 10.55
CA ARG C 78 9.91 22.81 11.93
C ARG C 78 9.62 23.93 12.91
N LYS C 79 10.20 25.10 12.66
CA LYS C 79 10.02 26.26 13.53
C LYS C 79 8.58 26.76 13.52
N GLU C 80 7.96 26.77 12.34
CA GLU C 80 6.57 27.16 12.23
C GLU C 80 5.65 26.19 12.97
N ALA C 81 5.90 24.90 12.80
CA ALA C 81 5.08 23.89 13.48
C ALA C 81 5.26 23.96 15.00
N ARG C 82 6.50 24.16 15.45
CA ARG C 82 6.81 24.28 16.87
CA ARG C 82 6.77 24.24 16.88
C ARG C 82 6.06 25.46 17.49
N GLN C 83 5.93 26.53 16.72
CA GLN C 83 5.20 27.71 17.21
C GLN C 83 3.70 27.41 17.32
N LYS C 84 3.18 26.62 16.37
CA LYS C 84 1.76 26.25 16.42
C LYS C 84 1.47 25.39 17.65
N LEU C 85 2.47 24.66 18.11
CA LEU C 85 2.36 23.91 19.37
C LEU C 85 2.21 24.83 20.58
N THR C 86 2.37 26.12 20.32
CA THR C 86 2.29 27.20 21.32
C THR C 86 3.49 27.16 22.24
N VAL D 17 21.01 -1.04 -13.80
CA VAL D 17 20.82 -1.97 -12.68
C VAL D 17 20.29 -3.32 -13.16
N ARG D 18 21.04 -4.37 -12.84
CA ARG D 18 20.68 -5.73 -13.22
C ARG D 18 19.48 -6.20 -12.40
N LEU D 19 18.53 -6.86 -13.08
CA LEU D 19 17.31 -7.33 -12.42
C LEU D 19 17.26 -8.84 -12.48
N VAL D 20 17.22 -9.51 -11.33
CA VAL D 20 17.14 -10.96 -11.30
C VAL D 20 15.98 -11.41 -10.41
N TRP D 21 15.57 -12.66 -10.55
CA TRP D 21 14.42 -13.21 -9.84
C TRP D 21 14.80 -14.52 -9.17
N SER D 22 14.41 -14.69 -7.91
CA SER D 22 14.64 -15.97 -7.25
C SER D 22 13.91 -17.10 -7.98
N PRO D 23 14.42 -18.33 -7.88
CA PRO D 23 13.68 -19.44 -8.48
C PRO D 23 12.23 -19.52 -8.01
N THR D 24 11.96 -19.22 -6.74
CA THR D 24 10.57 -19.22 -6.27
C THR D 24 9.74 -18.10 -6.90
N ALA D 25 10.34 -16.93 -7.11
CA ALA D 25 9.61 -15.83 -7.75
C ALA D 25 9.21 -16.20 -9.17
N LYS D 26 10.11 -16.91 -9.87
CA LYS D 26 9.78 -17.39 -11.21
C LYS D 26 8.61 -18.37 -11.13
N ALA D 27 8.64 -19.26 -10.14
CA ALA D 27 7.54 -20.19 -9.92
C ALA D 27 6.24 -19.46 -9.57
N ASP D 28 6.34 -18.37 -8.80
CA ASP D 28 5.16 -17.54 -8.52
C ASP D 28 4.53 -17.01 -9.81
N LEU D 29 5.37 -16.49 -10.69
CA LEU D 29 4.89 -15.93 -11.97
C LEU D 29 4.21 -16.99 -12.83
N ILE D 30 4.79 -18.18 -12.87
CA ILE D 30 4.18 -19.26 -13.64
C ILE D 30 2.83 -19.65 -13.04
N ASP D 31 2.76 -19.77 -11.73
CA ASP D 31 1.53 -20.15 -11.05
CA ASP D 31 1.52 -20.16 -11.06
C ASP D 31 0.41 -19.14 -11.28
N ILE D 32 0.76 -17.85 -11.23
CA ILE D 32 -0.21 -16.79 -11.45
C ILE D 32 -0.81 -16.91 -12.85
N TYR D 33 0.07 -17.11 -13.84
CA TYR D 33 -0.36 -17.21 -15.23
C TYR D 33 -1.25 -18.43 -15.44
N VAL D 34 -0.83 -19.55 -14.88
CA VAL D 34 -1.60 -20.80 -15.01
C VAL D 34 -2.97 -20.66 -14.35
N MET D 35 -3.04 -20.00 -13.19
CA MET D 35 -4.30 -19.90 -12.47
C MET D 35 -5.35 -19.12 -13.24
N ILE D 36 -4.99 -17.93 -13.73
CA ILE D 36 -5.98 -17.13 -14.44
C ILE D 36 -6.06 -17.58 -15.90
N GLY D 37 -4.93 -18.03 -16.45
CA GLY D 37 -4.88 -18.47 -17.84
C GLY D 37 -5.70 -19.71 -18.10
N SER D 38 -5.98 -20.47 -17.05
CA SER D 38 -6.84 -21.64 -17.13
C SER D 38 -8.25 -21.26 -17.61
N GLU D 39 -8.62 -19.99 -17.46
CA GLU D 39 -9.90 -19.54 -17.99
C GLU D 39 -9.84 -18.30 -18.88
N ASN D 40 -8.76 -17.54 -18.79
CA ASN D 40 -8.67 -16.31 -19.57
C ASN D 40 -7.20 -15.99 -19.89
N ILE D 41 -6.76 -16.43 -21.08
CA ILE D 41 -5.38 -16.24 -21.50
C ILE D 41 -5.05 -14.75 -21.69
N ARG D 42 -6.00 -13.99 -22.22
CA ARG D 42 -5.78 -12.55 -22.41
C ARG D 42 -5.44 -11.86 -21.08
N ALA D 43 -6.19 -12.20 -20.04
CA ALA D 43 -5.93 -11.67 -18.70
C ALA D 43 -4.56 -12.10 -18.19
N ALA D 44 -4.20 -13.36 -18.40
CA ALA D 44 -2.88 -13.86 -18.02
C ALA D 44 -1.77 -13.04 -18.71
N ASP D 45 -1.95 -12.76 -20.01
CA ASP D 45 -0.98 -11.96 -20.75
C ASP D 45 -0.88 -10.55 -20.21
N ARG D 46 -2.02 -9.96 -19.87
CA ARG D 46 -2.05 -8.59 -19.35
CA ARG D 46 -2.09 -8.61 -19.33
C ARG D 46 -1.32 -8.52 -18.02
N TYR D 47 -1.47 -9.54 -17.18
CA TYR D 47 -0.76 -9.55 -15.91
C TYR D 47 0.74 -9.59 -16.14
N TYR D 48 1.19 -10.43 -17.08
CA TYR D 48 2.61 -10.46 -17.39
C TYR D 48 3.10 -9.12 -17.94
N ASP D 49 2.30 -8.45 -18.76
CA ASP D 49 2.66 -7.12 -19.27
C ASP D 49 2.84 -6.14 -18.10
N GLN D 50 1.92 -6.19 -17.15
CA GLN D 50 1.94 -5.26 -16.03
C GLN D 50 3.10 -5.56 -15.07
N LEU D 51 3.34 -6.83 -14.80
CA LEU D 51 4.42 -7.22 -13.89
C LEU D 51 5.78 -6.91 -14.52
N GLU D 52 5.92 -7.17 -15.82
CA GLU D 52 7.17 -6.86 -16.49
C GLU D 52 7.41 -5.35 -16.51
N ALA D 53 6.38 -4.56 -16.80
CA ALA D 53 6.51 -3.11 -16.83
C ALA D 53 6.94 -2.56 -15.46
N ARG D 54 6.36 -3.09 -14.39
CA ARG D 54 6.73 -2.63 -13.05
C ARG D 54 8.15 -3.07 -12.71
N ALA D 55 8.53 -4.29 -13.09
CA ALA D 55 9.88 -4.76 -12.82
C ALA D 55 10.90 -3.90 -13.55
N LEU D 56 10.55 -3.43 -14.74
CA LEU D 56 11.42 -2.54 -15.49
C LEU D 56 11.54 -1.17 -14.81
N GLN D 57 10.42 -0.66 -14.30
CA GLN D 57 10.41 0.60 -13.55
CA GLN D 57 10.45 0.59 -13.56
C GLN D 57 11.32 0.46 -12.32
N LEU D 58 11.22 -0.68 -11.65
CA LEU D 58 12.02 -0.95 -10.47
C LEU D 58 13.51 -1.01 -10.77
N ALA D 59 13.88 -1.55 -11.92
CA ALA D 59 15.29 -1.61 -12.29
C ALA D 59 15.86 -0.20 -12.51
N ASP D 60 15.03 0.71 -13.01
CA ASP D 60 15.42 2.11 -13.20
C ASP D 60 15.41 2.87 -11.88
N GLN D 61 14.57 2.43 -10.95
CA GLN D 61 14.34 3.13 -9.69
C GLN D 61 14.32 2.13 -8.54
N PRO D 62 15.49 1.62 -8.17
CA PRO D 62 15.58 0.46 -7.28
C PRO D 62 15.03 0.67 -5.87
N ARG D 63 14.91 1.92 -5.42
CA ARG D 63 14.45 2.17 -4.07
C ARG D 63 13.02 2.72 -4.06
N MET D 64 12.25 2.43 -5.12
CA MET D 64 10.89 2.96 -5.23
C MET D 64 9.92 2.23 -4.32
N GLY D 65 10.28 1.02 -3.90
CA GLY D 65 9.44 0.29 -2.98
C GLY D 65 9.53 0.87 -1.59
N VAL D 66 8.82 0.24 -0.68
CA VAL D 66 8.90 0.64 0.72
CA VAL D 66 8.84 0.59 0.74
C VAL D 66 9.72 -0.38 1.51
N ARG D 67 10.63 0.13 2.36
CA ARG D 67 11.40 -0.77 3.22
C ARG D 67 10.48 -1.47 4.22
N ARG D 68 10.70 -2.78 4.40
CA ARG D 68 9.97 -3.56 5.40
C ARG D 68 10.93 -4.40 6.25
N PRO D 69 11.78 -3.75 7.06
CA PRO D 69 12.73 -4.50 7.86
C PRO D 69 12.02 -5.32 8.94
N ASP D 70 10.74 -5.06 9.16
CA ASP D 70 9.97 -5.88 10.10
C ASP D 70 9.67 -7.26 9.50
N ILE D 71 9.83 -7.40 8.19
CA ILE D 71 9.73 -8.73 7.54
C ILE D 71 11.10 -9.41 7.62
N ARG D 72 12.07 -8.89 6.86
CA ARG D 72 13.49 -9.23 7.02
C ARG D 72 14.25 -7.93 6.78
N PRO D 73 15.48 -7.80 7.31
CA PRO D 73 16.13 -6.49 7.26
C PRO D 73 16.33 -5.86 5.88
N SER D 74 16.56 -6.64 4.83
CA SER D 74 16.73 -6.06 3.50
C SER D 74 15.45 -6.01 2.67
N ALA D 75 14.34 -6.48 3.23
CA ALA D 75 13.12 -6.62 2.46
C ALA D 75 12.48 -5.28 2.10
N ARG D 76 11.99 -5.22 0.86
CA ARG D 76 11.21 -4.08 0.36
C ARG D 76 9.96 -4.62 -0.32
N MET D 77 8.90 -3.81 -0.34
CA MET D 77 7.63 -4.17 -0.98
C MET D 77 7.30 -3.16 -2.06
N LEU D 78 6.92 -3.65 -3.23
CA LEU D 78 6.43 -2.79 -4.30
C LEU D 78 5.11 -3.35 -4.81
N VAL D 79 4.05 -2.57 -4.70
CA VAL D 79 2.73 -3.04 -5.13
CA VAL D 79 2.72 -3.02 -5.13
C VAL D 79 2.58 -2.98 -6.66
N GLU D 80 1.93 -4.00 -7.23
CA GLU D 80 1.56 -4.00 -8.64
C GLU D 80 0.21 -4.71 -8.65
N ALA D 81 -0.81 -3.96 -8.22
CA ALA D 81 -2.12 -4.53 -7.86
C ALA D 81 -2.64 -5.50 -8.91
N PRO D 82 -3.12 -6.67 -8.48
CA PRO D 82 -3.32 -7.15 -7.10
C PRO D 82 -2.09 -7.78 -6.44
N PHE D 83 -0.93 -7.67 -7.10
CA PHE D 83 0.27 -8.33 -6.61
C PHE D 83 1.16 -7.42 -5.79
N VAL D 84 2.03 -8.07 -5.01
CA VAL D 84 3.09 -7.33 -4.35
CA VAL D 84 3.08 -7.40 -4.25
C VAL D 84 4.41 -8.04 -4.63
N LEU D 85 5.37 -7.25 -5.08
CA LEU D 85 6.72 -7.74 -5.33
C LEU D 85 7.51 -7.59 -4.05
N LEU D 86 8.05 -8.68 -3.52
CA LEU D 86 8.99 -8.60 -2.40
C LEU D 86 10.36 -8.62 -3.00
N TYR D 87 11.21 -7.65 -2.66
CA TYR D 87 12.53 -7.59 -3.30
C TYR D 87 13.57 -6.99 -2.39
N GLU D 88 14.83 -7.12 -2.78
CA GLU D 88 15.89 -6.40 -2.12
C GLU D 88 16.84 -5.77 -3.13
N THR D 89 17.59 -4.77 -2.68
CA THR D 89 18.68 -4.23 -3.49
C THR D 89 19.99 -4.79 -2.97
N VAL D 90 20.97 -4.92 -3.86
CA VAL D 90 22.34 -5.23 -3.46
C VAL D 90 23.24 -4.15 -4.04
N PRO D 91 23.90 -3.38 -3.17
CA PRO D 91 23.87 -3.46 -1.70
C PRO D 91 22.57 -2.95 -1.11
N ASP D 92 22.33 -3.28 0.17
CA ASP D 92 21.12 -2.90 0.87
C ASP D 92 21.28 -1.53 1.54
N THR D 93 21.64 -0.55 0.72
CA THR D 93 21.86 0.81 1.22
C THR D 93 20.71 1.76 0.85
N ASP D 94 20.71 2.96 1.44
CA ASP D 94 19.66 3.94 1.19
C ASP D 94 20.06 4.94 0.12
N ASP D 95 21.35 4.98 -0.16
CA ASP D 95 21.90 5.94 -1.11
C ASP D 95 23.04 5.31 -1.87
N GLY D 96 23.30 5.81 -3.07
CA GLY D 96 24.40 5.34 -3.86
C GLY D 96 23.99 4.29 -4.88
N PRO D 97 24.92 3.93 -5.77
CA PRO D 97 24.69 2.99 -6.87
C PRO D 97 24.26 1.61 -6.38
N VAL D 98 23.26 1.06 -7.06
CA VAL D 98 22.79 -0.30 -6.80
C VAL D 98 23.35 -1.22 -7.88
N GLU D 99 23.89 -2.36 -7.48
CA GLU D 99 24.44 -3.29 -8.46
C GLU D 99 23.38 -4.23 -9.02
N TRP D 100 22.48 -4.72 -8.17
CA TRP D 100 21.33 -5.41 -8.72
C TRP D 100 20.13 -5.38 -7.81
N VAL D 101 19.00 -5.69 -8.40
CA VAL D 101 17.75 -5.86 -7.67
C VAL D 101 17.37 -7.32 -7.77
N GLU D 102 17.04 -7.95 -6.64
CA GLU D 102 16.50 -9.31 -6.70
C GLU D 102 15.05 -9.32 -6.27
N ILE D 103 14.18 -9.77 -7.17
CA ILE D 103 12.79 -9.99 -6.79
C ILE D 103 12.70 -11.38 -6.16
N VAL D 104 12.31 -11.41 -4.89
CA VAL D 104 12.36 -12.64 -4.09
C VAL D 104 11.05 -13.43 -4.17
N ARG D 105 9.92 -12.72 -4.18
CA ARG D 105 8.61 -13.35 -4.36
C ARG D 105 7.68 -12.44 -5.13
N VAL D 106 6.70 -13.03 -5.81
CA VAL D 106 5.55 -12.29 -6.32
C VAL D 106 4.32 -12.82 -5.61
N VAL D 107 3.70 -11.98 -4.77
CA VAL D 107 2.61 -12.41 -3.90
C VAL D 107 1.27 -11.86 -4.41
N ASP D 108 0.23 -12.69 -4.47
CA ASP D 108 -1.10 -12.21 -4.81
C ASP D 108 -1.82 -11.81 -3.51
N GLY D 109 -2.03 -10.51 -3.32
CA GLY D 109 -2.70 -10.03 -2.11
C GLY D 109 -4.11 -10.54 -1.91
N ARG D 110 -4.79 -10.90 -3.00
CA ARG D 110 -6.14 -11.41 -2.89
C ARG D 110 -6.15 -12.79 -2.24
N ARG D 111 -5.06 -13.51 -2.41
CA ARG D 111 -5.00 -14.89 -1.92
C ARG D 111 -4.23 -15.04 -0.62
N ASP D 112 -3.37 -14.06 -0.30
CA ASP D 112 -2.45 -14.26 0.81
C ASP D 112 -2.36 -13.15 1.85
N LEU D 113 -3.11 -12.05 1.67
CA LEU D 113 -3.02 -10.94 2.61
C LEU D 113 -4.35 -10.44 3.09
N ASN D 114 -4.41 -10.05 4.36
CA ASN D 114 -5.55 -9.29 4.88
C ASN D 114 -5.57 -7.87 4.33
N ARG D 115 -4.40 -7.22 4.35
CA ARG D 115 -4.21 -5.86 3.85
C ARG D 115 -2.85 -5.72 3.17
N LEU D 116 -2.70 -4.72 2.30
CA LEU D 116 -1.39 -4.45 1.70
C LEU D 116 -0.45 -3.76 2.68
N PHE D 117 -0.96 -2.72 3.34
N PHE D 117 -0.97 -2.75 3.38
CA PHE D 117 -0.24 -2.01 4.39
CA PHE D 117 -0.26 -2.05 4.45
C PHE D 117 -1.19 -1.75 5.54
C PHE D 117 -1.15 -1.96 5.69
C1 GOL E . 1.65 -11.91 18.35
O1 GOL E . 0.89 -11.50 17.23
C2 GOL E . 1.27 -11.09 19.58
O2 GOL E . 1.16 -9.73 19.22
C3 GOL E . 2.36 -11.23 20.63
O3 GOL E . 2.11 -10.38 21.72
I IOD F . 7.59 -16.16 12.13
I IOD G . 17.27 -12.83 4.41
C1 GOL H . 1.92 -0.61 11.69
O1 GOL H . 2.88 -0.77 12.73
C2 GOL H . 1.12 0.65 11.97
O2 GOL H . 2.02 1.70 12.29
C3 GOL H . 0.27 1.03 10.76
O3 GOL H . -0.72 1.95 11.18
C1 GOL I . -0.45 11.85 12.93
O1 GOL I . -0.38 12.28 11.59
C2 GOL I . 0.81 11.09 13.32
O2 GOL I . 0.75 10.74 14.69
C3 GOL I . 1.00 9.85 12.46
O3 GOL I . -0.10 8.95 12.61
NA NA J . -6.29 3.20 8.01
I IOD K . -5.88 3.08 -1.96
C1 GOL L . -8.73 22.77 -11.00
O1 GOL L . -7.45 23.32 -10.75
C2 GOL L . -8.96 21.53 -10.17
O2 GOL L . -7.90 20.62 -10.35
C3 GOL L . -9.07 21.87 -8.68
O3 GOL L . -9.32 20.66 -7.96
I IOD M . -9.31 -3.83 -0.79
C1 GOL N . 1.81 -6.47 6.91
O1 GOL N . 2.10 -5.29 7.62
C2 GOL N . 1.01 -6.12 5.67
O2 GOL N . 1.83 -5.31 4.87
C3 GOL N . -0.23 -5.36 6.12
O3 GOL N . -1.05 -6.18 6.95
C1 GOL O . -4.38 -15.13 -9.50
O1 GOL O . -3.06 -14.87 -9.06
C2 GOL O . -4.92 -14.05 -10.45
O2 GOL O . -6.22 -14.46 -10.82
C3 GOL O . -4.96 -12.66 -9.77
O3 GOL O . -5.74 -12.67 -8.59
C1 GOL P . 2.15 -16.46 -4.96
O1 GOL P . 2.58 -17.77 -5.28
C2 GOL P . 1.14 -16.57 -3.83
O2 GOL P . 0.58 -15.32 -3.49
C3 GOL P . 1.84 -17.24 -2.65
O3 GOL P . 1.82 -18.65 -2.86
I IOD Q . -4.85 -6.62 -2.80
I IOD R . 4.56 0.40 -2.48
I IOD S . 15.06 5.27 -6.66
I IOD T . -8.14 -6.37 7.25
#